data_3DV3
#
_entry.id   3DV3
#
_cell.length_a   81.596
_cell.length_b   81.596
_cell.length_c   129.966
_cell.angle_alpha   90.000
_cell.angle_beta   90.000
_cell.angle_gamma   120.000
#
_symmetry.space_group_name_H-M   'P 62'
#
loop_
_entity.id
_entity.type
_entity.pdbx_description
1 polymer 'Dual specificity mitogen-activated protein kinase kinase 1'
2 non-polymer 'MAGNESIUM ION'
3 non-polymer "ADENOSINE-5'-TRIPHOSPHATE"
4 non-polymer 3,4-difluoro-2-[(2-fluoro-4-iodophenyl)amino]-N-(2-hydroxyethoxy)-5-[(2-hydroxyethoxy)methyl]benzamide
5 non-polymer GLYCEROL
6 water water
#
_entity_poly.entity_id   1
_entity_poly.type   'polypeptide(L)'
_entity_poly.pdbx_seq_one_letter_code
;MELKDDDFEKISELGAGNGGVVFKVSHKPSGLVMARKLIHLEIKPAIRNQIIRELQVLHECNSPYIVGFYGAFYSDGEIS
ICMEHMDGGSLDQVLKKAGRIPEQILGKVSIAVIKGLTYLREKHKIMHRDVKPSNILVNSRGEIKLCDFGVSGQLIDSMA
NSFVGTRSYMSPERLQGTHYSVQSDIWSMGLSLVEMAVGRYPIPPPDAKELELMFGCQVEGDAAETPPRPRTPGRPLSSY
GMDSRPPMAIFELLDYIVNEPPPKLPSGVFSLEFQDFVNKCLIKNPAERADLKQLMVHAFIKRSDAEEVDFAGWLCSTIG
LN
;
_entity_poly.pdbx_strand_id   A
#
loop_
_chem_comp.id
_chem_comp.type
_chem_comp.name
_chem_comp.formula
ATP non-polymer ADENOSINE-5'-TRIPHOSPHATE 'C10 H16 N5 O13 P3'
GOL non-polymer GLYCEROL 'C3 H8 O3'
MEK non-polymer 3,4-difluoro-2-[(2-fluoro-4-iodophenyl)amino]-N-(2-hydroxyethoxy)-5-[(2-hydroxyethoxy)methyl]benzamide 'C18 H18 F3 I N2 O5'
MG non-polymer 'MAGNESIUM ION' 'Mg 2'
#
# COMPACT_ATOMS: atom_id res chain seq x y z
N MET A 1 24.03 -1.45 -14.34
CA MET A 1 23.96 -0.93 -15.74
C MET A 1 22.69 -0.07 -15.95
N GLU A 2 22.66 0.69 -17.04
CA GLU A 2 21.54 1.56 -17.31
C GLU A 2 20.40 0.82 -18.01
N LEU A 3 19.18 1.09 -17.56
CA LEU A 3 18.02 0.50 -18.21
C LEU A 3 17.53 1.35 -19.40
N LYS A 4 17.23 0.71 -20.51
CA LYS A 4 16.57 1.34 -21.64
C LYS A 4 15.47 0.45 -22.25
N ASP A 5 14.58 1.08 -23.02
CA ASP A 5 13.38 0.43 -23.57
C ASP A 5 13.61 -0.84 -24.44
N ASP A 6 14.54 -0.73 -25.40
CA ASP A 6 15.20 -1.80 -26.17
C ASP A 6 15.42 -3.16 -25.52
N ASP A 7 15.94 -3.06 -24.31
CA ASP A 7 16.53 -4.17 -23.58
C ASP A 7 15.47 -4.97 -22.85
N PHE A 8 14.20 -4.68 -23.10
CA PHE A 8 13.11 -5.28 -22.33
C PHE A 8 12.28 -6.10 -23.26
N GLU A 9 11.74 -7.18 -22.71
CA GLU A 9 10.82 -8.04 -23.43
C GLU A 9 9.65 -8.33 -22.50
N LYS A 10 8.44 -8.20 -23.05
CA LYS A 10 7.24 -8.28 -22.24
C LYS A 10 6.88 -9.73 -22.08
N ILE A 11 6.55 -10.13 -20.86
CA ILE A 11 6.09 -11.47 -20.60
C ILE A 11 4.56 -11.49 -20.45
N SER A 12 4.03 -10.63 -19.59
CA SER A 12 2.59 -10.58 -19.33
C SER A 12 2.18 -9.25 -18.66
N GLU A 13 0.88 -9.05 -18.48
CA GLU A 13 0.35 -7.86 -17.80
C GLU A 13 0.01 -8.21 -16.35
N LEU A 14 0.66 -7.55 -15.40
CA LEU A 14 0.39 -7.79 -13.97
C LEU A 14 -0.87 -7.06 -13.46
N GLY A 15 -1.21 -5.93 -14.05
CA GLY A 15 -2.40 -5.22 -13.67
C GLY A 15 -2.26 -3.81 -14.22
N ALA A 16 -3.24 -2.96 -13.89
CA ALA A 16 -3.26 -1.52 -14.21
C ALA A 16 -4.16 -0.80 -13.21
N GLY A 17 -3.96 0.49 -13.04
CA GLY A 17 -4.81 1.29 -12.17
C GLY A 17 -5.08 2.63 -12.85
N ASN A 18 -5.08 3.69 -12.05
CA ASN A 18 -5.34 5.05 -12.54
C ASN A 18 -4.06 5.81 -12.90
N GLY A 19 -3.65 5.69 -14.16
CA GLY A 19 -2.50 6.44 -14.67
C GLY A 19 -1.27 5.57 -14.87
N GLY A 20 -1.42 4.27 -14.61
CA GLY A 20 -0.32 3.32 -14.76
C GLY A 20 -0.70 1.93 -15.23
N VAL A 21 0.14 1.35 -16.10
CA VAL A 21 0.21 -0.12 -16.34
C VAL A 21 1.53 -0.73 -15.94
N VAL A 22 1.40 -1.94 -15.45
CA VAL A 22 2.52 -2.66 -15.03
C VAL A 22 2.62 -4.02 -15.71
N PHE A 23 3.78 -4.22 -16.31
CA PHE A 23 4.06 -5.43 -17.03
C PHE A 23 5.11 -6.28 -16.29
N LYS A 24 4.96 -7.61 -16.42
CA LYS A 24 6.02 -8.53 -16.11
C LYS A 24 6.92 -8.59 -17.33
N VAL A 25 8.20 -8.28 -17.14
CA VAL A 25 9.13 -8.15 -18.23
C VAL A 25 10.43 -8.91 -17.94
N SER A 26 11.12 -9.27 -19.02
CA SER A 26 12.45 -9.76 -18.99
C SER A 26 13.36 -8.62 -19.40
N HIS A 27 14.29 -8.27 -18.53
CA HIS A 27 15.40 -7.40 -18.89
C HIS A 27 16.47 -8.28 -19.57
N LYS A 28 16.60 -8.17 -20.88
CA LYS A 28 17.39 -9.12 -21.61
C LYS A 28 18.92 -9.13 -21.32
N PRO A 29 19.57 -7.95 -21.19
CA PRO A 29 20.99 -8.02 -20.83
C PRO A 29 21.35 -8.80 -19.53
N SER A 30 20.49 -8.74 -18.54
CA SER A 30 20.76 -9.33 -17.23
C SER A 30 20.07 -10.67 -17.00
N GLY A 31 19.04 -10.98 -17.80
CA GLY A 31 18.15 -12.13 -17.61
C GLY A 31 17.13 -11.97 -16.49
N LEU A 32 17.11 -10.81 -15.86
CA LEU A 32 16.28 -10.59 -14.66
C LEU A 32 14.83 -10.37 -15.00
N VAL A 33 13.92 -11.05 -14.29
CA VAL A 33 12.50 -10.70 -14.36
C VAL A 33 12.15 -9.49 -13.46
N MET A 34 11.43 -8.51 -14.03
CA MET A 34 11.10 -7.27 -13.33
C MET A 34 9.61 -6.99 -13.49
N ALA A 35 9.13 -6.02 -12.73
CA ALA A 35 7.82 -5.39 -12.97
C ALA A 35 8.19 -4.02 -13.50
N ARG A 36 7.66 -3.70 -14.66
CA ARG A 36 7.90 -2.41 -15.29
C ARG A 36 6.58 -1.67 -15.32
N LYS A 37 6.54 -0.57 -14.55
CA LYS A 37 5.40 0.32 -14.48
C LYS A 37 5.60 1.46 -15.48
N LEU A 38 4.59 1.66 -16.34
CA LEU A 38 4.55 2.74 -17.34
C LEU A 38 3.52 3.78 -16.94
N ILE A 39 4.01 4.98 -16.71
CA ILE A 39 3.12 6.12 -16.45
C ILE A 39 3.09 7.07 -17.64
N HIS A 40 1.92 7.23 -18.23
CA HIS A 40 1.79 8.15 -19.34
C HIS A 40 1.36 9.54 -18.87
N LEU A 41 2.23 10.52 -19.09
CA LEU A 41 1.97 11.91 -18.74
C LEU A 41 2.22 12.82 -19.96
N GLU A 42 1.26 13.66 -20.28
CA GLU A 42 1.48 14.68 -21.31
C GLU A 42 2.10 15.91 -20.61
N ILE A 43 3.42 15.91 -20.48
CA ILE A 43 4.13 17.00 -19.78
C ILE A 43 5.38 17.46 -20.56
N LYS A 44 5.76 18.72 -20.38
CA LYS A 44 6.95 19.28 -21.04
C LYS A 44 8.23 18.50 -20.72
N PRO A 45 9.23 18.56 -21.63
CA PRO A 45 10.50 17.82 -21.42
C PRO A 45 11.27 18.12 -20.11
N ALA A 46 11.21 19.35 -19.61
CA ALA A 46 11.98 19.77 -18.43
C ALA A 46 11.42 19.20 -17.11
N ILE A 47 10.10 19.05 -17.06
CA ILE A 47 9.39 18.49 -15.92
C ILE A 47 9.65 16.97 -15.87
N ARG A 48 9.42 16.33 -17.01
CA ARG A 48 9.72 14.94 -17.21
C ARG A 48 11.15 14.56 -16.76
N ASN A 49 12.11 15.44 -16.99
CA ASN A 49 13.50 15.18 -16.61
C ASN A 49 13.73 15.31 -15.09
N GLN A 50 13.01 16.24 -14.46
CA GLN A 50 13.00 16.40 -13.00
C GLN A 50 12.41 15.15 -12.28
N ILE A 51 11.23 14.72 -12.75
CA ILE A 51 10.62 13.43 -12.37
C ILE A 51 11.61 12.28 -12.45
N ILE A 52 12.14 11.99 -13.63
CA ILE A 52 13.20 10.95 -13.75
C ILE A 52 14.35 11.11 -12.75
N ARG A 53 14.81 12.35 -12.60
CA ARG A 53 15.92 12.69 -11.71
C ARG A 53 15.57 12.39 -10.26
N GLU A 54 14.36 12.81 -9.85
CA GLU A 54 13.83 12.57 -8.50
C GLU A 54 13.53 11.10 -8.18
N LEU A 55 13.24 10.30 -9.20
CA LEU A 55 13.05 8.84 -8.99
C LEU A 55 14.37 8.14 -8.74
N GLN A 56 15.50 8.78 -9.05
CA GLN A 56 16.79 8.13 -8.75
C GLN A 56 17.03 7.91 -7.25
N VAL A 57 16.41 8.72 -6.39
CA VAL A 57 16.48 8.40 -4.94
C VAL A 57 15.93 7.01 -4.55
N LEU A 58 15.07 6.42 -5.37
CA LEU A 58 14.70 5.00 -5.19
C LEU A 58 15.86 4.02 -5.17
N HIS A 59 17.00 4.36 -5.79
CA HIS A 59 18.20 3.51 -5.74
C HIS A 59 18.69 3.42 -4.31
N GLU A 60 18.38 4.47 -3.54
CA GLU A 60 18.79 4.62 -2.13
C GLU A 60 17.72 4.12 -1.12
N CYS A 61 16.55 3.68 -1.60
CA CYS A 61 15.46 3.15 -0.73
C CYS A 61 15.57 1.64 -0.56
N ASN A 62 16.45 1.18 0.33
CA ASN A 62 16.74 -0.24 0.46
C ASN A 62 16.25 -0.76 1.80
N SER A 63 15.24 -1.63 1.75
CA SER A 63 14.62 -2.04 2.99
C SER A 63 13.91 -3.35 2.75
N PRO A 64 13.94 -4.29 3.72
CA PRO A 64 13.10 -5.49 3.55
C PRO A 64 11.59 -5.20 3.45
N TYR A 65 11.18 -3.97 3.79
CA TYR A 65 9.79 -3.56 3.78
C TYR A 65 9.41 -2.60 2.63
N ILE A 66 10.32 -2.49 1.65
CA ILE A 66 10.16 -1.59 0.49
C ILE A 66 10.51 -2.38 -0.78
N VAL A 67 9.62 -2.37 -1.75
CA VAL A 67 9.86 -2.98 -3.07
C VAL A 67 11.16 -2.47 -3.72
N GLY A 68 12.08 -3.41 -4.02
CA GLY A 68 13.33 -3.12 -4.72
C GLY A 68 13.14 -2.31 -6.01
N PHE A 69 14.10 -1.44 -6.31
CA PHE A 69 14.02 -0.58 -7.46
C PHE A 69 15.22 -0.85 -8.30
N TYR A 70 15.03 -0.92 -9.61
CA TYR A 70 16.15 -1.19 -10.53
C TYR A 70 16.53 0.04 -11.33
N GLY A 71 15.54 0.86 -11.66
CA GLY A 71 15.82 2.05 -12.45
C GLY A 71 14.58 2.70 -13.02
N ALA A 72 14.71 3.97 -13.40
CA ALA A 72 13.62 4.71 -13.98
C ALA A 72 14.10 5.52 -15.17
N PHE A 73 13.32 5.50 -16.25
CA PHE A 73 13.69 6.19 -17.48
C PHE A 73 12.44 6.61 -18.24
N TYR A 74 12.64 7.50 -19.21
CA TYR A 74 11.60 7.99 -20.07
C TYR A 74 11.81 7.42 -21.46
N SER A 75 10.73 6.95 -22.09
CA SER A 75 10.73 6.59 -23.51
C SER A 75 9.30 6.63 -24.10
N ASP A 76 9.24 7.00 -25.38
CA ASP A 76 8.07 7.57 -26.07
C ASP A 76 6.78 7.72 -25.31
N GLY A 77 6.67 8.86 -24.62
CA GLY A 77 5.43 9.26 -23.95
C GLY A 77 5.23 8.59 -22.62
N GLU A 78 6.24 7.88 -22.16
CA GLU A 78 6.05 7.11 -20.97
C GLU A 78 7.22 7.10 -20.02
N ILE A 79 6.93 7.31 -18.75
CA ILE A 79 7.91 7.13 -17.71
C ILE A 79 7.83 5.70 -17.24
N SER A 80 9.00 5.05 -17.22
CA SER A 80 9.12 3.68 -16.76
C SER A 80 9.73 3.63 -15.40
N ILE A 81 9.08 2.89 -14.51
CA ILE A 81 9.69 2.52 -13.25
C ILE A 81 9.79 1.00 -13.17
N CYS A 82 11.04 0.55 -13.03
CA CYS A 82 11.35 -0.86 -13.05
C CYS A 82 11.64 -1.30 -11.65
N MET A 83 10.90 -2.30 -11.23
CA MET A 83 11.02 -2.70 -9.85
C MET A 83 11.09 -4.24 -9.77
N GLU A 84 11.47 -4.70 -8.59
CA GLU A 84 11.36 -6.07 -8.18
C GLU A 84 9.97 -6.65 -8.49
N HIS A 85 9.94 -7.81 -9.12
CA HIS A 85 8.67 -8.49 -9.38
C HIS A 85 8.27 -9.22 -8.09
N MET A 86 7.04 -8.97 -7.63
CA MET A 86 6.55 -9.58 -6.37
C MET A 86 5.55 -10.68 -6.78
N ASP A 87 5.97 -11.94 -6.71
CA ASP A 87 5.20 -13.03 -7.33
C ASP A 87 3.89 -13.39 -6.62
N GLY A 88 3.66 -12.79 -5.44
CA GLY A 88 2.39 -12.92 -4.72
C GLY A 88 1.40 -11.83 -5.06
N GLY A 89 1.82 -10.83 -5.85
CA GLY A 89 1.00 -9.70 -6.18
C GLY A 89 0.69 -8.76 -5.00
N SER A 90 -0.41 -8.04 -5.10
CA SER A 90 -0.78 -7.16 -4.00
C SER A 90 -1.83 -7.75 -3.10
N LEU A 91 -1.94 -7.13 -1.93
CA LEU A 91 -2.92 -7.50 -0.92
C LEU A 91 -4.37 -7.33 -1.34
N ASP A 92 -4.68 -6.45 -2.31
CA ASP A 92 -6.05 -6.43 -2.86
C ASP A 92 -6.38 -7.71 -3.67
N GLN A 93 -5.43 -8.19 -4.48
CA GLN A 93 -5.59 -9.46 -5.21
C GLN A 93 -5.67 -10.65 -4.25
N VAL A 94 -4.77 -10.71 -3.25
CA VAL A 94 -4.82 -11.81 -2.28
C VAL A 94 -6.14 -11.84 -1.48
N LEU A 95 -6.66 -10.65 -1.15
CA LEU A 95 -7.94 -10.53 -0.44
C LEU A 95 -9.11 -11.09 -1.25
N LYS A 96 -9.08 -10.92 -2.58
CA LYS A 96 -10.12 -11.40 -3.50
C LYS A 96 -10.12 -12.93 -3.45
N LYS A 97 -8.92 -13.53 -3.53
CA LYS A 97 -8.79 -14.98 -3.42
C LYS A 97 -9.08 -15.51 -2.01
N ALA A 98 -8.73 -14.75 -0.98
CA ALA A 98 -8.81 -15.24 0.40
C ALA A 98 -10.20 -15.08 0.97
N GLY A 99 -10.96 -14.15 0.38
CA GLY A 99 -12.20 -13.68 0.98
C GLY A 99 -11.91 -12.71 2.10
N ARG A 100 -11.01 -13.13 2.99
CA ARG A 100 -10.82 -12.49 4.28
C ARG A 100 -9.44 -12.94 4.79
N ILE A 101 -8.65 -12.01 5.32
CA ILE A 101 -7.29 -12.36 5.80
C ILE A 101 -7.26 -12.59 7.32
N PRO A 102 -6.72 -13.76 7.76
CA PRO A 102 -6.65 -14.05 9.20
C PRO A 102 -5.94 -12.92 9.99
N GLU A 103 -6.48 -12.61 11.17
CA GLU A 103 -5.92 -11.62 12.09
C GLU A 103 -4.41 -11.79 12.40
N GLN A 104 -3.96 -13.04 12.51
CA GLN A 104 -2.54 -13.37 12.68
C GLN A 104 -1.68 -12.94 11.51
N ILE A 105 -2.17 -13.17 10.30
CA ILE A 105 -1.50 -12.71 9.08
C ILE A 105 -1.50 -11.17 8.98
N LEU A 106 -2.60 -10.55 9.38
CA LEU A 106 -2.68 -9.11 9.40
C LEU A 106 -1.76 -8.51 10.43
N GLY A 107 -1.32 -9.31 11.41
CA GLY A 107 -0.34 -8.91 12.41
C GLY A 107 1.02 -8.75 11.76
N LYS A 108 1.38 -9.70 10.89
CA LYS A 108 2.61 -9.59 10.09
C LYS A 108 2.50 -8.46 9.07
N VAL A 109 1.37 -8.32 8.39
CA VAL A 109 1.16 -7.19 7.48
C VAL A 109 1.40 -5.85 8.21
N SER A 110 0.78 -5.67 9.36
CA SER A 110 0.89 -4.45 10.14
C SER A 110 2.32 -4.06 10.51
N ILE A 111 3.10 -5.04 10.91
CA ILE A 111 4.50 -4.89 11.28
C ILE A 111 5.33 -4.37 10.12
N ALA A 112 5.21 -5.05 8.97
CA ALA A 112 5.85 -4.67 7.74
C ALA A 112 5.47 -3.23 7.24
N VAL A 113 4.18 -2.87 7.30
CA VAL A 113 3.75 -1.52 6.97
C VAL A 113 4.33 -0.46 7.89
N ILE A 114 4.20 -0.65 9.18
CA ILE A 114 4.79 0.25 10.14
C ILE A 114 6.28 0.40 10.00
N LYS A 115 6.96 -0.70 9.81
CA LYS A 115 8.41 -0.69 9.55
C LYS A 115 8.85 -0.03 8.24
N GLY A 116 8.10 -0.27 7.17
CA GLY A 116 8.32 0.43 5.88
C GLY A 116 8.09 1.95 5.97
N LEU A 117 7.01 2.32 6.60
CA LEU A 117 6.67 3.73 6.83
C LEU A 117 7.71 4.44 7.69
N THR A 118 8.16 3.74 8.73
CA THR A 118 9.22 4.23 9.60
C THR A 118 10.52 4.43 8.85
N TYR A 119 10.91 3.42 8.07
CA TYR A 119 12.10 3.53 7.24
C TYR A 119 12.01 4.78 6.30
N LEU A 120 10.87 4.99 5.63
CA LEU A 120 10.74 6.10 4.72
C LEU A 120 10.85 7.46 5.40
N ARG A 121 10.19 7.59 6.55
N ARG A 121 10.23 7.58 6.55
CA ARG A 121 10.26 8.78 7.38
CA ARG A 121 10.32 8.75 7.38
C ARG A 121 11.68 9.01 7.93
C ARG A 121 11.69 8.93 7.97
N GLU A 122 12.26 8.00 8.58
N GLU A 122 12.22 7.91 8.61
CA GLU A 122 13.52 8.15 9.31
CA GLU A 122 13.49 8.07 9.33
C GLU A 122 14.66 8.40 8.32
C GLU A 122 14.63 8.32 8.34
N LYS A 123 14.74 7.56 7.28
CA LYS A 123 15.87 7.57 6.36
C LYS A 123 15.70 8.47 5.14
N HIS A 124 14.47 8.79 4.73
CA HIS A 124 14.19 9.60 3.54
C HIS A 124 13.33 10.86 3.76
N LYS A 125 12.87 11.06 4.99
CA LYS A 125 12.04 12.21 5.36
C LYS A 125 10.83 12.34 4.48
N ILE A 126 10.20 11.22 4.13
CA ILE A 126 8.94 11.28 3.41
C ILE A 126 7.80 10.41 3.96
N MET A 127 6.60 10.94 3.69
CA MET A 127 5.37 10.17 3.88
C MET A 127 5.09 9.29 2.67
N HIS A 128 4.33 8.24 2.87
CA HIS A 128 3.97 7.35 1.77
C HIS A 128 2.96 8.03 0.78
N ARG A 129 1.82 8.47 1.32
CA ARG A 129 0.74 9.19 0.60
C ARG A 129 -0.25 8.29 -0.09
N ASP A 130 0.02 6.99 -0.18
CA ASP A 130 -0.90 6.13 -0.93
C ASP A 130 -0.96 4.67 -0.40
N VAL A 131 -1.15 4.56 0.90
CA VAL A 131 -1.27 3.28 1.57
C VAL A 131 -2.66 2.75 1.34
N LYS A 132 -2.70 1.51 0.84
CA LYS A 132 -3.94 0.80 0.56
C LYS A 132 -3.50 -0.58 0.11
N PRO A 133 -4.40 -1.57 0.13
CA PRO A 133 -4.01 -2.98 -0.10
C PRO A 133 -3.26 -3.21 -1.44
N SER A 134 -3.58 -2.44 -2.49
CA SER A 134 -2.91 -2.65 -3.78
C SER A 134 -1.46 -2.16 -3.83
N ASN A 135 -1.08 -1.32 -2.83
CA ASN A 135 0.28 -0.82 -2.72
C ASN A 135 1.09 -1.57 -1.68
N ILE A 136 0.53 -2.67 -1.17
CA ILE A 136 1.29 -3.56 -0.33
C ILE A 136 1.47 -4.86 -1.09
N LEU A 137 2.71 -5.17 -1.46
CA LEU A 137 3.00 -6.35 -2.27
C LEU A 137 3.63 -7.49 -1.46
N VAL A 138 3.42 -8.72 -1.90
CA VAL A 138 3.87 -9.89 -1.14
C VAL A 138 4.54 -10.86 -2.10
N ASN A 139 5.38 -11.75 -1.57
CA ASN A 139 6.00 -12.75 -2.41
C ASN A 139 6.09 -14.08 -1.72
N SER A 140 6.53 -15.09 -2.49
CA SER A 140 6.52 -16.50 -2.06
C SER A 140 7.58 -16.81 -0.98
N ARG A 141 8.52 -15.88 -0.81
CA ARG A 141 9.47 -15.89 0.31
C ARG A 141 8.90 -15.38 1.60
N GLY A 142 7.63 -14.98 1.62
CA GLY A 142 6.98 -14.39 2.78
C GLY A 142 7.29 -12.92 3.03
N GLU A 143 7.74 -12.22 2.00
CA GLU A 143 8.04 -10.81 2.15
C GLU A 143 6.80 -9.92 1.88
N ILE A 144 6.68 -8.87 2.69
CA ILE A 144 5.60 -7.90 2.62
C ILE A 144 6.26 -6.51 2.48
N LYS A 145 5.93 -5.78 1.39
CA LYS A 145 6.67 -4.55 1.04
C LYS A 145 5.77 -3.48 0.44
N LEU A 146 6.15 -2.21 0.65
CA LEU A 146 5.43 -1.01 0.17
C LEU A 146 5.95 -0.58 -1.17
N CYS A 147 5.05 -0.16 -2.04
CA CYS A 147 5.46 0.50 -3.28
C CYS A 147 4.59 1.74 -3.44
N ASP A 148 4.80 2.45 -4.53
CA ASP A 148 3.91 3.55 -4.92
C ASP A 148 3.82 4.70 -3.90
N PHE A 149 4.94 4.97 -3.20
CA PHE A 149 5.03 6.11 -2.30
C PHE A 149 5.53 7.38 -3.01
N GLY A 150 5.28 8.52 -2.37
CA GLY A 150 5.61 9.84 -2.88
C GLY A 150 7.10 10.21 -2.84
N VAL A 151 7.95 9.53 -3.62
CA VAL A 151 9.40 9.84 -3.60
C VAL A 151 9.69 11.10 -4.37
N SER A 152 8.83 11.41 -5.34
CA SER A 152 9.14 12.50 -6.27
C SER A 152 8.10 13.60 -6.11
N GLY A 153 8.55 14.79 -5.70
CA GLY A 153 7.67 15.93 -5.49
C GLY A 153 6.98 16.32 -6.79
N GLN A 154 7.74 16.36 -7.88
CA GLN A 154 7.18 16.68 -9.15
C GLN A 154 6.19 15.62 -9.68
N LEU A 155 6.48 14.34 -9.45
CA LEU A 155 5.55 13.27 -9.86
C LEU A 155 4.26 13.37 -9.02
N ILE A 156 4.40 13.68 -7.72
CA ILE A 156 3.22 13.94 -6.88
C ILE A 156 2.35 15.03 -7.57
N ASP A 157 2.97 16.16 -7.88
CA ASP A 157 2.28 17.28 -8.53
C ASP A 157 1.60 16.88 -9.85
N SER A 158 2.38 16.26 -10.74
CA SER A 158 1.90 15.84 -12.05
C SER A 158 0.82 14.79 -12.01
N MET A 159 0.78 13.95 -10.98
CA MET A 159 -0.26 12.94 -10.88
C MET A 159 -1.56 13.53 -10.34
N ALA A 160 -1.47 14.64 -9.59
CA ALA A 160 -2.64 15.23 -8.94
C ALA A 160 -3.61 15.69 -10.01
N ASN A 161 -4.87 15.29 -9.80
CA ASN A 161 -5.81 14.82 -10.87
C ASN A 161 -6.08 13.28 -10.75
N GLY A 165 -12.94 7.63 -8.27
CA GLY A 165 -13.08 6.62 -7.14
C GLY A 165 -14.53 6.23 -6.87
N THR A 166 -14.75 4.98 -6.45
CA THR A 166 -15.97 4.57 -5.74
C THR A 166 -15.59 4.18 -4.29
N ARG A 167 -14.33 4.46 -3.91
CA ARG A 167 -13.81 4.20 -2.56
C ARG A 167 -12.52 5.03 -2.29
N SER A 168 -12.28 5.42 -1.05
CA SER A 168 -11.12 6.27 -0.68
C SER A 168 -10.46 5.77 0.63
N TYR A 169 -9.13 5.86 0.68
CA TYR A 169 -8.31 5.51 1.85
C TYR A 169 -7.68 6.72 2.49
N MET A 170 -8.15 7.89 2.05
CA MET A 170 -7.63 9.21 2.40
C MET A 170 -8.29 9.61 3.71
N SER A 171 -7.47 10.22 4.57
CA SER A 171 -7.89 10.58 5.90
C SER A 171 -8.88 11.72 5.85
N PRO A 172 -9.67 11.88 6.93
CA PRO A 172 -10.58 12.99 7.00
C PRO A 172 -9.90 14.33 6.77
N GLU A 173 -8.74 14.57 7.40
CA GLU A 173 -8.00 15.84 7.23
C GLU A 173 -7.51 16.07 5.81
N ARG A 174 -6.98 15.04 5.19
CA ARG A 174 -6.59 15.12 3.78
C ARG A 174 -7.78 15.32 2.81
N LEU A 175 -8.92 14.69 3.11
CA LEU A 175 -10.15 14.97 2.35
C LEU A 175 -10.64 16.42 2.40
N GLN A 176 -10.33 17.08 3.51
CA GLN A 176 -10.84 18.42 3.74
C GLN A 176 -9.87 19.53 3.40
N GLY A 177 -8.60 19.22 3.15
CA GLY A 177 -7.72 20.32 2.82
C GLY A 177 -6.26 19.93 2.67
N THR A 178 -5.41 20.94 2.76
CA THR A 178 -3.95 20.79 2.69
C THR A 178 -3.31 20.43 4.06
N HIS A 179 -4.09 20.50 5.15
CA HIS A 179 -3.50 20.33 6.48
C HIS A 179 -3.41 18.84 6.82
N TYR A 180 -2.50 18.12 6.15
CA TYR A 180 -2.25 16.71 6.48
C TYR A 180 -0.75 16.37 6.30
N SER A 181 -0.29 15.27 6.89
CA SER A 181 1.12 14.89 6.82
C SER A 181 1.28 13.40 7.13
N VAL A 182 2.40 13.00 7.69
CA VAL A 182 2.64 11.56 7.97
C VAL A 182 1.47 10.84 8.71
N GLN A 183 0.77 11.55 9.61
CA GLN A 183 -0.38 10.96 10.29
C GLN A 183 -1.49 10.43 9.36
N SER A 184 -1.66 11.07 8.20
CA SER A 184 -2.59 10.62 7.17
C SER A 184 -2.40 9.15 6.77
N ASP A 185 -1.14 8.72 6.63
CA ASP A 185 -0.75 7.33 6.33
C ASP A 185 -1.23 6.30 7.34
N ILE A 186 -1.36 6.71 8.61
CA ILE A 186 -1.79 5.84 9.72
C ILE A 186 -3.26 5.50 9.58
N TRP A 187 -4.07 6.52 9.24
CA TRP A 187 -5.47 6.35 8.92
C TRP A 187 -5.66 5.38 7.75
N SER A 188 -4.90 5.57 6.66
CA SER A 188 -4.98 4.67 5.50
C SER A 188 -4.67 3.24 5.85
N MET A 189 -3.59 3.05 6.61
CA MET A 189 -3.24 1.72 7.13
C MET A 189 -4.34 1.06 7.97
N GLY A 190 -4.92 1.82 8.89
CA GLY A 190 -6.00 1.36 9.74
C GLY A 190 -7.20 0.91 8.94
N LEU A 191 -7.62 1.74 7.97
CA LEU A 191 -8.76 1.43 7.09
C LEU A 191 -8.51 0.20 6.20
N SER A 192 -7.32 0.17 5.58
CA SER A 192 -6.83 -1.02 4.83
C SER A 192 -6.88 -2.36 5.66
N LEU A 193 -6.55 -2.28 6.94
CA LEU A 193 -6.56 -3.48 7.81
C LEU A 193 -7.97 -3.94 8.13
N VAL A 194 -8.88 -2.98 8.34
CA VAL A 194 -10.29 -3.29 8.55
C VAL A 194 -10.89 -3.93 7.29
N GLU A 195 -10.58 -3.39 6.11
CA GLU A 195 -11.04 -3.98 4.87
C GLU A 195 -10.59 -5.44 4.71
N MET A 196 -9.31 -5.69 4.97
CA MET A 196 -8.73 -7.00 4.81
C MET A 196 -9.21 -8.01 5.87
N ALA A 197 -9.47 -7.52 7.09
CA ALA A 197 -9.98 -8.36 8.17
C ALA A 197 -11.39 -8.84 7.90
N VAL A 198 -12.17 -7.98 7.25
CA VAL A 198 -13.62 -8.08 7.21
C VAL A 198 -14.07 -8.55 5.81
N GLY A 199 -13.26 -8.24 4.80
CA GLY A 199 -13.41 -8.83 3.49
C GLY A 199 -14.12 -7.94 2.51
N ARG A 200 -14.45 -6.72 2.94
CA ARG A 200 -14.95 -5.68 2.04
C ARG A 200 -14.55 -4.28 2.51
N TYR A 201 -14.50 -3.33 1.59
CA TYR A 201 -14.26 -1.94 1.94
C TYR A 201 -15.24 -1.51 3.05
N PRO A 202 -14.71 -1.03 4.19
CA PRO A 202 -15.57 -1.01 5.37
C PRO A 202 -16.44 0.20 5.52
N ILE A 203 -16.57 1.01 4.49
CA ILE A 203 -17.48 2.12 4.58
C ILE A 203 -18.58 2.21 3.56
N PRO A 204 -19.81 1.80 3.95
CA PRO A 204 -20.55 2.18 5.14
C PRO A 204 -20.42 0.90 6.04
N PRO A 205 -20.44 1.05 7.38
CA PRO A 205 -20.25 -0.14 8.26
C PRO A 205 -21.20 -1.30 7.91
N PRO A 206 -20.72 -2.55 8.06
CA PRO A 206 -21.62 -3.73 7.98
C PRO A 206 -22.71 -3.66 9.04
N ASP A 207 -23.96 -3.83 8.63
CA ASP A 207 -25.03 -3.91 9.62
C ASP A 207 -25.06 -5.28 10.36
N ALA A 208 -25.91 -5.38 11.39
CA ALA A 208 -26.09 -6.61 12.18
C ALA A 208 -26.17 -7.86 11.28
N LYS A 209 -27.04 -7.81 10.28
CA LYS A 209 -27.30 -8.91 9.34
C LYS A 209 -26.06 -9.31 8.52
N GLU A 210 -25.29 -8.32 8.07
CA GLU A 210 -24.07 -8.54 7.29
C GLU A 210 -23.01 -9.26 8.13
N LEU A 211 -22.91 -8.89 9.40
CA LEU A 211 -21.95 -9.48 10.33
C LEU A 211 -22.23 -10.97 10.61
N GLU A 212 -23.50 -11.29 10.94
CA GLU A 212 -23.97 -12.68 10.99
C GLU A 212 -23.62 -13.48 9.73
N LEU A 213 -23.87 -12.86 8.56
CA LEU A 213 -23.74 -13.53 7.26
C LEU A 213 -22.31 -13.73 6.76
N MET A 214 -21.37 -12.88 7.16
CA MET A 214 -19.95 -13.15 6.89
C MET A 214 -19.23 -13.83 8.06
N PHE A 215 -19.63 -13.49 9.29
CA PHE A 215 -19.11 -14.15 10.50
C PHE A 215 -20.22 -14.94 11.20
N PRO A 247 -23.84 0.25 -3.82
CA PRO A 247 -22.60 1.03 -3.89
C PRO A 247 -22.87 2.54 -3.72
N MET A 248 -22.10 3.22 -2.86
CA MET A 248 -22.35 4.63 -2.46
C MET A 248 -22.01 5.69 -3.54
N ALA A 249 -22.75 6.80 -3.59
CA ALA A 249 -22.34 7.95 -4.42
C ALA A 249 -21.12 8.56 -3.76
N ILE A 250 -20.32 9.33 -4.48
CA ILE A 250 -19.01 9.65 -3.89
C ILE A 250 -18.97 10.81 -2.92
N PHE A 251 -19.87 11.78 -3.07
CA PHE A 251 -20.15 12.68 -1.96
C PHE A 251 -20.65 11.96 -0.68
N GLU A 252 -21.62 11.07 -0.80
CA GLU A 252 -22.08 10.22 0.29
C GLU A 252 -20.92 9.52 1.05
N LEU A 253 -19.99 8.95 0.30
CA LEU A 253 -18.89 8.22 0.90
C LEU A 253 -17.92 9.15 1.64
N LEU A 254 -17.62 10.30 1.05
CA LEU A 254 -16.61 11.18 1.60
C LEU A 254 -17.19 11.95 2.76
N ASP A 255 -18.50 12.15 2.75
CA ASP A 255 -19.22 12.81 3.84
C ASP A 255 -19.24 11.90 5.07
N TYR A 256 -19.50 10.63 4.82
CA TYR A 256 -19.34 9.60 5.80
C TYR A 256 -17.94 9.61 6.46
N ILE A 257 -16.87 9.48 5.67
CA ILE A 257 -15.52 9.51 6.20
C ILE A 257 -15.30 10.75 7.07
N VAL A 258 -15.73 11.93 6.60
CA VAL A 258 -15.42 13.13 7.40
C VAL A 258 -16.32 13.39 8.61
N ASN A 259 -17.61 13.04 8.53
CA ASN A 259 -18.58 13.52 9.50
C ASN A 259 -19.20 12.45 10.36
N GLU A 260 -18.92 11.21 10.02
CA GLU A 260 -19.45 10.08 10.77
C GLU A 260 -18.32 9.39 11.56
N PRO A 261 -18.69 8.55 12.56
CA PRO A 261 -17.63 7.97 13.37
C PRO A 261 -16.88 6.93 12.53
N PRO A 262 -15.58 6.74 12.81
CA PRO A 262 -14.74 5.86 12.03
C PRO A 262 -15.23 4.41 12.09
N PRO A 263 -14.87 3.59 11.09
CA PRO A 263 -15.20 2.17 11.14
C PRO A 263 -14.39 1.44 12.23
N LYS A 264 -14.78 0.21 12.51
CA LYS A 264 -14.45 -0.47 13.73
C LYS A 264 -14.48 -1.92 13.32
N LEU A 265 -13.58 -2.73 13.90
CA LEU A 265 -13.68 -4.18 13.77
C LEU A 265 -14.91 -4.71 14.50
N PRO A 266 -15.53 -5.80 13.98
CA PRO A 266 -16.51 -6.53 14.77
C PRO A 266 -15.91 -6.97 16.09
N SER A 267 -16.71 -7.00 17.17
CA SER A 267 -16.24 -7.64 18.38
C SER A 267 -16.63 -9.12 18.38
N GLY A 268 -15.89 -9.93 19.12
CA GLY A 268 -16.11 -11.38 19.16
C GLY A 268 -15.08 -12.14 18.32
N VAL A 269 -15.10 -11.86 17.02
CA VAL A 269 -14.22 -12.48 16.01
C VAL A 269 -12.76 -11.96 16.04
N PHE A 270 -12.55 -10.76 16.55
CA PHE A 270 -11.18 -10.24 16.63
C PHE A 270 -10.79 -9.93 18.06
N SER A 271 -9.50 -10.10 18.38
CA SER A 271 -8.98 -9.86 19.74
C SER A 271 -9.11 -8.37 20.08
N LEU A 272 -9.12 -8.08 21.38
CA LEU A 272 -9.29 -6.71 21.86
C LEU A 272 -8.05 -5.86 21.53
N GLU A 273 -6.90 -6.53 21.41
CA GLU A 273 -5.64 -5.91 20.99
C GLU A 273 -5.73 -5.39 19.54
N PHE A 274 -6.27 -6.21 18.65
CA PHE A 274 -6.44 -5.82 17.24
C PHE A 274 -7.47 -4.69 17.18
N GLN A 275 -8.58 -4.85 17.87
CA GLN A 275 -9.62 -3.86 17.87
C GLN A 275 -9.09 -2.51 18.33
N ASP A 276 -8.33 -2.53 19.42
CA ASP A 276 -7.73 -1.31 19.95
C ASP A 276 -6.67 -0.74 19.01
N PHE A 277 -5.88 -1.60 18.41
CA PHE A 277 -4.93 -1.19 17.37
C PHE A 277 -5.59 -0.38 16.21
N VAL A 278 -6.64 -0.91 15.60
CA VAL A 278 -7.27 -0.23 14.48
C VAL A 278 -8.01 1.03 14.97
N ASN A 279 -8.58 0.96 16.20
CA ASN A 279 -9.18 2.14 16.83
C ASN A 279 -8.20 3.30 16.95
N LYS A 280 -6.97 3.00 17.31
CA LYS A 280 -5.94 4.02 17.49
C LYS A 280 -5.43 4.59 16.15
N CYS A 281 -5.59 3.82 15.07
CA CYS A 281 -5.24 4.24 13.71
C CYS A 281 -6.32 5.14 13.13
N LEU A 282 -7.55 4.91 13.59
CA LEU A 282 -8.70 5.48 12.91
C LEU A 282 -9.35 6.59 13.74
N ILE A 283 -8.55 7.20 14.63
CA ILE A 283 -8.99 8.34 15.42
C ILE A 283 -9.03 9.51 14.41
N LYS A 284 -10.14 10.25 14.37
CA LYS A 284 -10.34 11.27 13.34
C LYS A 284 -9.40 12.48 13.42
N ASN A 285 -9.16 12.95 14.64
CA ASN A 285 -8.18 14.00 14.88
C ASN A 285 -6.78 13.40 14.71
N PRO A 286 -5.98 13.95 13.77
CA PRO A 286 -4.68 13.28 13.42
C PRO A 286 -3.57 13.44 14.50
N ALA A 287 -3.72 14.42 15.41
CA ALA A 287 -2.82 14.69 16.51
C ALA A 287 -3.07 13.77 17.70
N GLU A 288 -4.30 13.25 17.84
CA GLU A 288 -4.54 12.24 18.88
C GLU A 288 -4.49 10.78 18.39
N ARG A 289 -4.74 10.60 17.10
CA ARG A 289 -4.35 9.39 16.40
C ARG A 289 -2.94 8.97 16.77
N ALA A 290 -2.74 7.67 16.99
CA ALA A 290 -1.41 7.12 17.26
C ALA A 290 -0.46 7.44 16.09
N ASP A 291 0.82 7.68 16.37
CA ASP A 291 1.83 7.71 15.30
C ASP A 291 2.54 6.38 15.24
N LEU A 292 3.52 6.29 14.33
CA LEU A 292 4.28 5.04 14.11
C LEU A 292 5.02 4.60 15.39
N LYS A 293 5.55 5.56 16.12
CA LYS A 293 6.34 5.34 17.37
C LYS A 293 5.47 4.57 18.38
N GLN A 294 4.26 5.08 18.63
CA GLN A 294 3.30 4.39 19.48
C GLN A 294 2.86 3.04 18.93
N LEU A 295 2.50 2.98 17.65
CA LEU A 295 2.02 1.71 17.10
C LEU A 295 3.05 0.59 17.17
N MET A 296 4.32 0.96 17.02
CA MET A 296 5.43 0.03 17.12
C MET A 296 5.52 -0.70 18.47
N VAL A 297 5.03 -0.06 19.54
CA VAL A 297 5.01 -0.67 20.88
C VAL A 297 3.59 -1.00 21.36
N HIS A 298 2.62 -1.00 20.43
CA HIS A 298 1.23 -1.35 20.75
C HIS A 298 1.14 -2.84 21.06
N ALA A 299 0.35 -3.26 22.04
CA ALA A 299 0.27 -4.67 22.42
C ALA A 299 0.16 -5.70 21.30
N PHE A 300 -0.58 -5.35 20.29
CA PHE A 300 -0.95 -6.17 19.14
C PHE A 300 0.28 -6.56 18.35
N ILE A 301 1.21 -5.57 18.28
CA ILE A 301 2.49 -5.67 17.56
C ILE A 301 3.42 -6.52 18.36
N LYS A 302 3.58 -6.20 19.63
CA LYS A 302 4.27 -7.08 20.55
C LYS A 302 3.80 -8.51 20.43
N ARG A 303 2.52 -8.72 20.52
CA ARG A 303 1.94 -10.07 20.34
C ARG A 303 2.31 -10.70 18.98
N SER A 304 2.00 -10.01 17.87
CA SER A 304 2.37 -10.47 16.50
C SER A 304 3.86 -10.65 16.26
N ASP A 305 4.62 -9.72 16.79
CA ASP A 305 6.06 -9.86 16.77
C ASP A 305 6.52 -11.23 17.32
N ALA A 306 5.91 -11.66 18.43
CA ALA A 306 6.21 -12.93 19.12
C ALA A 306 5.77 -14.19 18.34
N GLU A 307 4.64 -14.07 17.62
CA GLU A 307 3.94 -15.21 17.01
C GLU A 307 4.70 -15.84 15.86
N GLU A 308 4.62 -17.18 15.78
CA GLU A 308 5.24 -17.96 14.72
C GLU A 308 4.15 -18.14 13.68
N VAL A 309 4.36 -17.49 12.54
CA VAL A 309 3.38 -17.51 11.48
C VAL A 309 4.08 -17.90 10.19
N ASP A 310 3.55 -18.91 9.50
CA ASP A 310 4.07 -19.25 8.17
C ASP A 310 3.31 -18.46 7.07
N PHE A 311 3.71 -17.19 6.93
CA PHE A 311 3.05 -16.28 5.99
C PHE A 311 3.24 -16.81 4.57
N ALA A 312 4.48 -17.21 4.26
CA ALA A 312 4.80 -17.74 2.94
C ALA A 312 3.92 -18.94 2.57
N GLY A 313 3.74 -19.91 3.48
CA GLY A 313 2.87 -21.07 3.22
C GLY A 313 1.39 -20.71 3.12
N TRP A 314 0.92 -19.87 4.04
CA TRP A 314 -0.43 -19.30 3.93
C TRP A 314 -0.69 -18.64 2.56
N LEU A 315 0.25 -17.81 2.11
CA LEU A 315 0.13 -17.06 0.87
C LEU A 315 -0.05 -18.01 -0.30
N CYS A 316 0.89 -18.94 -0.41
CA CYS A 316 0.93 -19.84 -1.55
C CYS A 316 -0.32 -20.72 -1.62
N SER A 317 -0.73 -21.30 -0.49
CA SER A 317 -1.98 -22.09 -0.44
C SER A 317 -3.15 -21.25 -0.98
N THR A 318 -3.33 -20.04 -0.44
CA THR A 318 -4.57 -19.29 -0.74
C THR A 318 -4.63 -18.78 -2.20
N ILE A 319 -3.46 -18.49 -2.77
CA ILE A 319 -3.38 -17.96 -4.14
C ILE A 319 -2.92 -18.96 -5.19
N GLY A 320 -2.53 -20.15 -4.73
CA GLY A 320 -2.15 -21.24 -5.61
C GLY A 320 -0.81 -21.09 -6.30
N LEU A 321 0.23 -20.77 -5.53
CA LEU A 321 1.59 -20.66 -6.09
C LEU A 321 2.28 -22.00 -6.34
N ASN A 322 2.47 -22.78 -5.28
CA ASN A 322 3.05 -24.15 -5.40
C ASN A 322 2.01 -25.23 -5.76
MG MG B . -0.22 0.91 -6.97
PG ATP C . -4.24 2.83 -8.49
O1G ATP C . -3.60 3.44 -7.32
O2G ATP C . -3.56 3.16 -9.74
O3G ATP C . -5.70 2.98 -8.55
PB ATP C . -3.06 0.21 -8.26
O1B ATP C . -1.95 0.52 -7.35
O2B ATP C . -3.81 -1.00 -8.15
O3B ATP C . -4.20 1.26 -8.20
PA ATP C . -0.94 0.25 -10.07
O1A ATP C . -0.82 0.81 -11.38
O2A ATP C . -0.11 0.80 -9.00
O3A ATP C . -2.45 0.33 -9.67
O5' ATP C . -0.65 -1.27 -10.15
C5' ATP C . -1.54 -2.19 -10.72
C4' ATP C . -1.37 -3.60 -10.22
O4' ATP C . -0.14 -4.15 -10.62
C3' ATP C . -1.34 -3.69 -8.72
O3' ATP C . -2.63 -3.97 -8.22
C2' ATP C . -0.51 -4.90 -8.48
O2' ATP C . -1.43 -5.96 -8.40
C1' ATP C . 0.32 -5.10 -9.71
N9 ATP C . 1.72 -4.78 -9.39
C8 ATP C . 2.19 -3.57 -9.30
N7 ATP C . 3.48 -3.58 -9.02
C5 ATP C . 3.87 -4.83 -8.92
C6 ATP C . 5.12 -5.55 -8.64
N6 ATP C . 6.25 -4.89 -8.40
N1 ATP C . 5.11 -6.87 -8.63
C2 ATP C . 4.00 -7.54 -8.86
N3 ATP C . 2.84 -6.96 -9.13
C4 ATP C . 2.70 -5.63 -9.18
N1 MEK D . 1.80 5.52 -7.98
C4 MEK D . 8.26 2.26 -6.09
C5 MEK D . 7.62 1.94 -7.28
C6 MEK D . 6.79 2.84 -7.92
C7 MEK D . 4.02 6.45 -7.89
C8 MEK D . 3.54 7.69 -7.59
C10 MEK D . 5.71 8.37 -7.00
C13 MEK D . 3.03 5.47 -8.40
C15 MEK D . -0.53 4.13 -10.29
C17 MEK D . 2.89 9.70 -4.84
F3 MEK D . 6.48 9.33 -6.56
C9 MEK D . 4.40 8.65 -7.14
C16 MEK D . 3.90 10.02 -6.81
O4 MEK D . 2.66 9.97 -6.19
C18 MEK D . 1.57 9.38 -4.21
O5 MEK D . 0.81 10.57 -4.24
C11 MEK D . 6.19 7.13 -7.31
F2 MEK D . 7.47 6.91 -7.15
C12 MEK D . 5.34 6.15 -7.75
N2 MEK D . 5.75 4.91 -8.07
C1 MEK D . 6.56 4.07 -7.40
F1 MEK D . 6.19 2.51 -9.04
C2 MEK D . 7.18 4.42 -6.22
C3 MEK D . 8.01 3.53 -5.59
I1 MEK D . 9.53 0.92 -5.11
O1 MEK D . 3.36 4.71 -9.24
O2 MEK D . 0.93 4.63 -8.47
C14 MEK D . -0.29 5.01 -9.08
O3 MEK D . 0.43 4.43 -11.28
C1 GOL E . 18.14 3.18 -15.00
O1 GOL E . 18.62 3.61 -16.26
C2 GOL E . 18.89 3.84 -13.83
O2 GOL E . 20.20 4.25 -14.14
C3 GOL E . 18.17 5.12 -13.50
O3 GOL E . 16.95 4.74 -12.93
#